data_3V9S
#
_entry.id   3V9S
#
_cell.length_a   96.063
_cell.length_b   105.840
_cell.length_c   46.918
_cell.angle_alpha   90.00
_cell.angle_beta   90.00
_cell.angle_gamma   90.00
#
_symmetry.space_group_name_H-M   'P 21 21 2'
#
loop_
_entity.id
_entity.type
_entity.pdbx_description
1 polymer 'Ribonuclease T'
2 polymer "DNA (5'-D(*TP*TP*AP*CP*AP*AP*C)-3')"
3 non-polymer 'MAGNESIUM ION'
4 non-polymer 'COBALT (II) ION'
5 water water
#
loop_
_entity_poly.entity_id
_entity_poly.type
_entity_poly.pdbx_seq_one_letter_code
_entity_poly.pdbx_strand_id
1 'polypeptide(L)'
;MGSSHHHHHHSSGLVPRGSHMSDNAQLTGLCDRFRGFYPVVIDVETAGFNAKTDALLEIAAITLKMDEQGWLMPDTTLHF
HVEPFVGANLQPEALAFNGIDPNDPDRGAVSEYEALHEIFKVVRKGIKASGCNRAIMVAHNANFDHSFMMAAAERASLKR
NPFHPFATFDTAALAGLALGQTVLSKACQTAGMDFDSTQAHSALYDTERTAVLFCEIVNRWKRLGGWPLSAAEEV
;
A,B
2 'polydeoxyribonucleotide' (DT)(DT)(DA)(DC)(DA)(DA)(DC) C,D
#
# COMPACT_ATOMS: atom_id res chain seq x y z
N THR A 28 -7.28 13.73 -19.95
CA THR A 28 -8.43 12.83 -19.83
C THR A 28 -8.06 11.40 -20.23
N GLY A 29 -6.78 11.18 -20.46
CA GLY A 29 -6.29 9.87 -20.84
C GLY A 29 -5.84 9.05 -19.65
N LEU A 30 -6.06 7.75 -19.72
CA LEU A 30 -5.65 6.82 -18.67
C LEU A 30 -4.14 6.89 -18.45
N CYS A 31 -3.40 7.08 -19.54
CA CYS A 31 -1.95 7.15 -19.47
C CYS A 31 -1.47 8.42 -18.77
N ASP A 32 -2.37 9.41 -18.69
CA ASP A 32 -2.05 10.69 -18.06
C ASP A 32 -2.32 10.67 -16.56
N ARG A 33 -3.20 9.77 -16.13
CA ARG A 33 -3.71 9.79 -14.76
C ARG A 33 -2.70 9.37 -13.69
N PHE A 34 -1.98 8.29 -13.94
CA PHE A 34 -1.03 7.76 -12.96
C PHE A 34 0.38 7.65 -13.52
N ARG A 35 0.93 8.78 -13.96
CA ARG A 35 2.21 8.84 -14.68
C ARG A 35 2.53 7.61 -15.53
N GLY A 36 1.56 7.18 -16.33
CA GLY A 36 1.78 6.12 -17.30
C GLY A 36 1.59 4.71 -16.77
N PHE A 37 1.13 4.60 -15.53
CA PHE A 37 0.85 3.30 -14.93
C PHE A 37 -0.52 2.80 -15.39
N TYR A 38 -0.57 1.54 -15.82
CA TYR A 38 -1.80 0.91 -16.26
C TYR A 38 -2.36 0.08 -15.11
N PRO A 39 -3.35 0.63 -14.39
CA PRO A 39 -3.88 0.00 -13.19
C PRO A 39 -4.67 -1.27 -13.50
N VAL A 40 -4.33 -2.36 -12.82
CA VAL A 40 -5.02 -3.64 -13.00
C VAL A 40 -5.46 -4.18 -11.65
N VAL A 41 -6.76 -4.33 -11.46
CA VAL A 41 -7.28 -4.83 -10.19
C VAL A 41 -7.07 -6.35 -10.09
N ILE A 42 -6.56 -6.79 -8.94
CA ILE A 42 -6.23 -8.20 -8.75
C ILE A 42 -6.63 -8.68 -7.37
N ASP A 43 -7.19 -9.89 -7.31
CA ASP A 43 -7.39 -10.56 -6.03
C ASP A 43 -7.07 -12.03 -6.16
N VAL A 44 -6.54 -12.61 -5.10
CA VAL A 44 -6.20 -14.02 -5.09
C VAL A 44 -6.85 -14.73 -3.91
N GLU A 45 -7.02 -16.04 -4.07
CA GLU A 45 -7.33 -16.91 -2.95
C GLU A 45 -6.17 -17.88 -2.84
N THR A 46 -5.78 -18.20 -1.61
CA THR A 46 -4.56 -18.98 -1.38
C THR A 46 -4.79 -20.08 -0.36
N ALA A 47 -3.79 -20.92 -0.15
CA ALA A 47 -3.86 -21.99 0.85
C ALA A 47 -2.99 -21.65 2.06
N GLY A 48 -2.86 -20.36 2.34
CA GLY A 48 -2.02 -19.93 3.45
C GLY A 48 -1.49 -18.50 3.32
N PHE A 49 -0.64 -18.11 4.27
CA PHE A 49 -0.14 -16.74 4.33
C PHE A 49 1.23 -16.56 3.68
N ASN A 50 1.87 -17.65 3.29
CA ASN A 50 3.20 -17.57 2.68
C ASN A 50 3.18 -17.69 1.16
N ALA A 51 3.50 -16.59 0.50
CA ALA A 51 3.50 -16.51 -0.96
C ALA A 51 4.52 -17.45 -1.59
N LYS A 52 5.62 -17.69 -0.90
CA LYS A 52 6.68 -18.55 -1.41
C LYS A 52 6.30 -20.04 -1.35
N THR A 53 5.65 -20.44 -0.27
CA THR A 53 5.47 -21.87 0.02
C THR A 53 4.04 -22.38 -0.13
N ASP A 54 3.07 -21.49 -0.02
CA ASP A 54 1.66 -21.90 -0.07
C ASP A 54 1.05 -21.74 -1.45
N ALA A 55 0.11 -22.61 -1.77
CA ALA A 55 -0.50 -22.66 -3.09
C ALA A 55 -1.33 -21.42 -3.41
N LEU A 56 -1.30 -21.01 -4.67
CA LEU A 56 -2.25 -20.04 -5.20
C LEU A 56 -3.44 -20.85 -5.69
N LEU A 57 -4.64 -20.41 -5.32
CA LEU A 57 -5.84 -21.21 -5.59
C LEU A 57 -6.82 -20.53 -6.54
N GLU A 58 -6.92 -19.22 -6.45
CA GLU A 58 -7.76 -18.45 -7.36
C GLU A 58 -7.09 -17.12 -7.67
N ILE A 59 -7.30 -16.62 -8.88
CA ILE A 59 -6.87 -15.27 -9.21
C ILE A 59 -7.78 -14.64 -10.24
N ALA A 60 -8.14 -13.38 -10.00
CA ALA A 60 -8.98 -12.63 -10.92
C ALA A 60 -8.29 -11.32 -11.27
N ALA A 61 -8.51 -10.86 -12.50
CA ALA A 61 -7.91 -9.62 -12.96
C ALA A 61 -8.92 -8.76 -13.69
N ILE A 62 -8.95 -7.48 -13.35
CA ILE A 62 -9.84 -6.53 -14.03
C ILE A 62 -9.07 -5.29 -14.46
N THR A 63 -8.87 -5.17 -15.77
CA THR A 63 -8.24 -3.97 -16.31
C THR A 63 -9.26 -2.84 -16.26
N LEU A 64 -8.76 -1.61 -16.28
CA LEU A 64 -9.63 -0.45 -16.26
C LEU A 64 -9.46 0.37 -17.53
N LYS A 65 -10.43 1.23 -17.81
CA LYS A 65 -10.35 2.14 -18.94
C LYS A 65 -10.95 3.48 -18.55
N MET A 66 -10.53 4.53 -19.25
CA MET A 66 -11.11 5.85 -19.06
C MET A 66 -11.88 6.21 -20.31
N ASP A 67 -13.08 6.77 -20.15
CA ASP A 67 -13.83 7.22 -21.29
C ASP A 67 -13.27 8.55 -21.79
N GLU A 68 -13.91 9.13 -22.79
CA GLU A 68 -13.44 10.35 -23.42
C GLU A 68 -13.36 11.54 -22.45
N GLN A 69 -14.22 11.55 -21.44
CA GLN A 69 -14.25 12.66 -20.47
C GLN A 69 -13.34 12.42 -19.27
N GLY A 70 -12.70 11.25 -19.24
CA GLY A 70 -11.73 10.96 -18.20
C GLY A 70 -12.29 10.26 -16.99
N TRP A 71 -13.42 9.56 -17.15
CA TRP A 71 -13.99 8.79 -16.04
C TRP A 71 -13.49 7.35 -16.08
N LEU A 72 -13.22 6.80 -14.90
CA LEU A 72 -12.58 5.49 -14.79
C LEU A 72 -13.62 4.39 -14.59
N MET A 73 -13.44 3.28 -15.29
CA MET A 73 -14.38 2.17 -15.22
C MET A 73 -13.72 0.84 -15.60
N PRO A 74 -14.29 -0.28 -15.16
CA PRO A 74 -13.77 -1.61 -15.50
C PRO A 74 -13.75 -1.85 -17.00
N ASP A 75 -12.74 -2.57 -17.48
CA ASP A 75 -12.60 -2.87 -18.90
C ASP A 75 -12.75 -4.37 -19.13
N THR A 76 -11.63 -5.09 -19.05
CA THR A 76 -11.64 -6.54 -19.26
C THR A 76 -11.56 -7.30 -17.94
N THR A 77 -12.36 -8.36 -17.83
CA THR A 77 -12.41 -9.16 -16.62
C THR A 77 -11.96 -10.60 -16.85
N LEU A 78 -10.95 -11.03 -16.10
CA LEU A 78 -10.48 -12.41 -16.17
C LEU A 78 -10.61 -13.09 -14.81
N HIS A 79 -10.81 -14.39 -14.82
CA HIS A 79 -10.92 -15.15 -13.57
C HIS A 79 -10.50 -16.60 -13.76
N PHE A 80 -9.81 -17.15 -12.77
CA PHE A 80 -9.31 -18.52 -12.87
C PHE A 80 -9.32 -19.24 -11.54
N HIS A 81 -9.65 -20.53 -11.58
CA HIS A 81 -9.32 -21.42 -10.47
C HIS A 81 -7.94 -21.96 -10.78
N VAL A 82 -7.06 -21.94 -9.77
CA VAL A 82 -5.67 -22.28 -10.00
C VAL A 82 -5.24 -23.57 -9.31
N GLU A 83 -4.56 -24.43 -10.05
CA GLU A 83 -4.03 -25.69 -9.52
C GLU A 83 -2.81 -25.42 -8.66
N PRO A 84 -2.79 -26.00 -7.44
CA PRO A 84 -1.66 -25.82 -6.54
C PRO A 84 -0.38 -26.28 -7.22
N PHE A 85 0.67 -25.48 -7.14
CA PHE A 85 1.92 -25.85 -7.80
C PHE A 85 2.54 -27.07 -7.15
N VAL A 86 3.25 -27.86 -7.95
CA VAL A 86 3.90 -29.06 -7.45
C VAL A 86 4.83 -28.73 -6.29
N GLY A 87 4.50 -29.28 -5.11
CA GLY A 87 5.30 -29.09 -3.92
C GLY A 87 4.77 -28.00 -3.01
N ALA A 88 3.61 -27.47 -3.36
CA ALA A 88 3.00 -26.40 -2.58
C ALA A 88 2.41 -26.93 -1.27
N ASN A 89 2.50 -26.11 -0.23
CA ASN A 89 1.85 -26.41 1.04
C ASN A 89 0.38 -26.01 1.00
N LEU A 90 -0.46 -26.76 1.71
CA LEU A 90 -1.87 -26.40 1.85
C LEU A 90 -2.23 -26.31 3.31
N GLN A 91 -2.39 -25.09 3.83
CA GLN A 91 -2.79 -24.93 5.22
C GLN A 91 -4.27 -25.27 5.41
N PRO A 92 -4.56 -26.26 6.26
CA PRO A 92 -5.94 -26.66 6.56
C PRO A 92 -6.82 -25.47 6.95
N GLU A 93 -6.30 -24.63 7.84
CA GLU A 93 -7.03 -23.47 8.31
C GLU A 93 -7.42 -22.55 7.16
N ALA A 94 -6.54 -22.43 6.17
CA ALA A 94 -6.78 -21.59 5.01
C ALA A 94 -7.90 -22.15 4.14
N LEU A 95 -7.87 -23.46 3.91
CA LEU A 95 -8.90 -24.11 3.12
C LEU A 95 -10.24 -24.05 3.84
N ALA A 96 -10.20 -24.10 5.17
CA ALA A 96 -11.39 -23.95 5.98
C ALA A 96 -11.92 -22.53 5.88
N PHE A 97 -11.00 -21.57 5.77
CA PHE A 97 -11.41 -20.16 5.66
C PHE A 97 -12.11 -19.85 4.34
N ASN A 98 -11.45 -20.16 3.22
CA ASN A 98 -11.97 -19.81 1.90
C ASN A 98 -12.90 -20.86 1.28
N GLY A 99 -12.98 -22.04 1.89
CA GLY A 99 -13.89 -23.07 1.46
C GLY A 99 -13.49 -23.78 0.18
N ILE A 100 -12.24 -23.61 -0.22
CA ILE A 100 -11.74 -24.21 -1.45
C ILE A 100 -11.24 -25.63 -1.24
N ASP A 101 -11.67 -26.53 -2.11
CA ASP A 101 -11.19 -27.90 -2.13
C ASP A 101 -10.38 -28.14 -3.40
N PRO A 102 -9.05 -28.00 -3.30
CA PRO A 102 -8.16 -28.12 -4.47
C PRO A 102 -8.25 -29.48 -5.13
N ASN A 103 -8.81 -30.46 -4.44
CA ASN A 103 -8.88 -31.83 -4.96
C ASN A 103 -10.17 -32.11 -5.72
N ASP A 104 -11.11 -31.18 -5.65
CA ASP A 104 -12.38 -31.30 -6.37
C ASP A 104 -12.14 -31.17 -7.87
N PRO A 105 -12.28 -32.29 -8.61
CA PRO A 105 -11.98 -32.29 -10.03
C PRO A 105 -12.92 -31.42 -10.87
N ASP A 106 -14.02 -30.98 -10.26
CA ASP A 106 -15.02 -30.19 -10.97
C ASP A 106 -14.79 -28.69 -10.82
N ARG A 107 -13.69 -28.31 -10.18
CA ARG A 107 -13.40 -26.89 -9.98
C ARG A 107 -12.76 -26.27 -11.22
N GLY A 108 -12.50 -27.10 -12.23
CA GLY A 108 -11.98 -26.64 -13.50
C GLY A 108 -10.75 -25.76 -13.39
N ALA A 109 -9.77 -26.20 -12.62
CA ALA A 109 -8.56 -25.42 -12.39
C ALA A 109 -7.66 -25.39 -13.63
N VAL A 110 -6.80 -24.39 -13.69
CA VAL A 110 -5.73 -24.33 -14.68
C VAL A 110 -4.41 -24.05 -13.99
N SER A 111 -3.31 -24.30 -14.69
CA SER A 111 -1.99 -24.08 -14.11
C SER A 111 -1.74 -22.59 -13.89
N GLU A 112 -0.78 -22.28 -13.03
CA GLU A 112 -0.41 -20.90 -12.81
C GLU A 112 0.05 -20.25 -14.12
N TYR A 113 0.78 -21.02 -14.92
CA TYR A 113 1.25 -20.53 -16.21
C TYR A 113 0.07 -20.07 -17.07
N GLU A 114 -0.85 -21.00 -17.33
CA GLU A 114 -2.01 -20.71 -18.16
C GLU A 114 -2.75 -19.44 -17.73
N ALA A 115 -3.04 -19.34 -16.43
CA ALA A 115 -3.77 -18.20 -15.87
C ALA A 115 -2.97 -16.91 -16.04
N LEU A 116 -1.75 -16.89 -15.51
CA LEU A 116 -0.93 -15.68 -15.55
C LEU A 116 -0.55 -15.28 -16.98
N HIS A 117 -0.25 -16.27 -17.82
CA HIS A 117 0.10 -15.97 -19.20
C HIS A 117 -1.05 -15.28 -19.92
N GLU A 118 -2.28 -15.65 -19.54
CA GLU A 118 -3.45 -15.05 -20.14
C GLU A 118 -3.66 -13.63 -19.62
N ILE A 119 -3.49 -13.45 -18.32
CA ILE A 119 -3.63 -12.13 -17.72
C ILE A 119 -2.59 -11.16 -18.29
N PHE A 120 -1.34 -11.60 -18.31
CA PHE A 120 -0.25 -10.78 -18.84
C PHE A 120 -0.51 -10.39 -20.30
N LYS A 121 -1.00 -11.33 -21.10
CA LYS A 121 -1.33 -11.07 -22.50
C LYS A 121 -2.33 -9.93 -22.64
N VAL A 122 -3.40 -9.97 -21.85
CA VAL A 122 -4.41 -8.93 -21.88
C VAL A 122 -3.85 -7.61 -21.35
N VAL A 123 -3.01 -7.69 -20.33
CA VAL A 123 -2.44 -6.50 -19.71
C VAL A 123 -1.48 -5.77 -20.64
N ARG A 124 -0.59 -6.51 -21.30
CA ARG A 124 0.31 -5.93 -22.27
C ARG A 124 -0.48 -5.26 -23.39
N LYS A 125 -1.59 -5.87 -23.77
CA LYS A 125 -2.43 -5.34 -24.84
C LYS A 125 -3.04 -4.00 -24.45
N GLY A 126 -3.53 -3.92 -23.22
CA GLY A 126 -4.14 -2.71 -22.71
C GLY A 126 -3.14 -1.59 -22.50
N ILE A 127 -1.93 -1.95 -22.09
CA ILE A 127 -0.87 -0.98 -21.88
C ILE A 127 -0.48 -0.30 -23.19
N LYS A 128 -0.32 -1.10 -24.24
CA LYS A 128 0.02 -0.57 -25.55
C LYS A 128 -1.10 0.31 -26.09
N ALA A 129 -2.32 -0.22 -26.09
CA ALA A 129 -3.48 0.49 -26.60
C ALA A 129 -3.66 1.86 -25.95
N SER A 130 -3.34 1.96 -24.67
CA SER A 130 -3.61 3.18 -23.90
C SER A 130 -2.40 4.10 -23.81
N GLY A 131 -1.23 3.60 -24.21
CA GLY A 131 -0.02 4.40 -24.22
C GLY A 131 0.64 4.49 -22.84
N CYS A 132 0.38 3.50 -22.00
CA CYS A 132 1.02 3.45 -20.69
C CYS A 132 2.39 2.80 -20.78
N ASN A 133 3.12 2.80 -19.67
CA ASN A 133 4.49 2.26 -19.65
C ASN A 133 4.55 0.91 -18.97
N ARG A 134 3.67 0.72 -17.99
CA ARG A 134 3.81 -0.39 -17.06
C ARG A 134 2.50 -0.58 -16.34
N ALA A 135 2.23 -1.80 -15.91
CA ALA A 135 1.03 -2.05 -15.12
C ALA A 135 1.35 -1.93 -13.64
N ILE A 136 0.40 -1.41 -12.88
CA ILE A 136 0.50 -1.40 -11.43
C ILE A 136 -0.69 -2.14 -10.84
N MET A 137 -0.44 -3.02 -9.88
CA MET A 137 -1.51 -3.79 -9.27
C MET A 137 -2.37 -2.97 -8.33
N VAL A 138 -3.68 -3.05 -8.52
CA VAL A 138 -4.62 -2.50 -7.57
C VAL A 138 -5.22 -3.67 -6.80
N ALA A 139 -5.14 -3.61 -5.46
CA ALA A 139 -5.65 -4.69 -4.64
C ALA A 139 -5.86 -4.23 -3.20
N HIS A 140 -6.73 -4.93 -2.46
CA HIS A 140 -7.02 -4.57 -1.08
C HIS A 140 -6.02 -5.18 -0.12
N ASN A 141 -5.30 -4.32 0.60
CA ASN A 141 -4.12 -4.75 1.33
C ASN A 141 -3.19 -5.39 0.31
N ALA A 142 -2.81 -4.57 -0.67
CA ALA A 142 -2.25 -5.01 -1.94
C ALA A 142 -1.02 -5.91 -1.92
N ASN A 143 -0.14 -5.74 -0.93
CA ASN A 143 1.11 -6.49 -0.93
C ASN A 143 0.89 -8.00 -0.82
N PHE A 144 -0.16 -8.40 -0.11
CA PHE A 144 -0.51 -9.81 -0.01
C PHE A 144 -0.70 -10.39 -1.40
N ASP A 145 -1.64 -9.81 -2.14
CA ASP A 145 -1.94 -10.24 -3.50
C ASP A 145 -0.74 -10.09 -4.42
N HIS A 146 -0.03 -8.97 -4.29
CA HIS A 146 1.16 -8.72 -5.10
C HIS A 146 2.19 -9.82 -4.94
N SER A 147 2.47 -10.19 -3.69
CA SER A 147 3.50 -11.18 -3.40
C SER A 147 3.13 -12.56 -3.92
N PHE A 148 1.84 -12.90 -3.88
CA PHE A 148 1.38 -14.18 -4.40
C PHE A 148 1.43 -14.23 -5.92
N MET A 149 1.01 -13.15 -6.59
CA MET A 149 1.03 -13.11 -8.05
C MET A 149 2.46 -13.17 -8.57
N MET A 150 3.35 -12.43 -7.91
CA MET A 150 4.74 -12.35 -8.32
C MET A 150 5.46 -13.70 -8.16
N ALA A 151 5.20 -14.38 -7.05
CA ALA A 151 5.80 -15.69 -6.78
C ALA A 151 5.32 -16.73 -7.80
N ALA A 152 4.03 -16.66 -8.12
CA ALA A 152 3.46 -17.55 -9.12
C ALA A 152 4.07 -17.25 -10.48
N ALA A 153 4.29 -15.96 -10.75
CA ALA A 153 4.91 -15.53 -11.99
C ALA A 153 6.32 -16.11 -12.12
N GLU A 154 7.05 -16.10 -11.01
CA GLU A 154 8.41 -16.63 -11.00
C GLU A 154 8.39 -18.15 -11.21
N ARG A 155 7.55 -18.84 -10.45
CA ARG A 155 7.40 -20.28 -10.57
C ARG A 155 7.13 -20.73 -12.01
N ALA A 156 6.31 -19.94 -12.72
CA ALA A 156 5.91 -20.31 -14.08
C ALA A 156 6.92 -19.86 -15.14
N SER A 157 7.96 -19.16 -14.71
CA SER A 157 9.00 -18.68 -15.62
C SER A 157 8.44 -17.79 -16.73
N LEU A 158 7.54 -16.88 -16.36
CA LEU A 158 6.95 -15.96 -17.33
C LEU A 158 7.92 -14.82 -17.65
N LYS A 159 8.07 -14.54 -18.94
CA LYS A 159 8.96 -13.47 -19.39
C LYS A 159 8.22 -12.15 -19.47
N ARG A 160 8.95 -11.07 -19.18
CA ARG A 160 8.45 -9.72 -19.37
C ARG A 160 7.14 -9.46 -18.62
N ASN A 161 7.14 -9.83 -17.34
CA ASN A 161 6.08 -9.46 -16.41
C ASN A 161 5.79 -7.96 -16.54
N PRO A 162 4.57 -7.61 -16.97
CA PRO A 162 4.26 -6.19 -17.21
C PRO A 162 4.03 -5.39 -15.93
N PHE A 163 3.90 -6.06 -14.78
CA PHE A 163 3.61 -5.38 -13.52
C PHE A 163 4.85 -4.76 -12.87
N HIS A 164 4.64 -3.64 -12.19
CA HIS A 164 5.71 -3.02 -11.41
C HIS A 164 6.10 -3.95 -10.28
N PRO A 165 7.41 -4.18 -10.12
CA PRO A 165 7.94 -5.18 -9.19
C PRO A 165 7.72 -4.87 -7.71
N PHE A 166 7.37 -3.63 -7.35
CA PHE A 166 7.10 -3.34 -5.95
C PHE A 166 6.01 -2.29 -5.68
N ALA A 167 5.72 -1.46 -6.67
CA ALA A 167 4.67 -0.45 -6.51
C ALA A 167 3.27 -1.04 -6.60
N THR A 168 2.37 -0.56 -5.75
CA THR A 168 0.97 -0.98 -5.79
C THR A 168 0.04 0.17 -5.42
N PHE A 169 -1.23 0.04 -5.79
CA PHE A 169 -2.28 0.94 -5.33
C PHE A 169 -3.16 0.18 -4.35
N ASP A 170 -2.83 0.25 -3.06
CA ASP A 170 -3.60 -0.44 -2.03
C ASP A 170 -4.93 0.24 -1.73
N THR A 171 -6.03 -0.42 -2.05
CA THR A 171 -7.36 0.15 -1.88
C THR A 171 -7.75 0.31 -0.41
N ALA A 172 -7.09 -0.42 0.47
CA ALA A 172 -7.33 -0.27 1.90
C ALA A 172 -6.90 1.13 2.35
N ALA A 173 -5.72 1.55 1.91
CA ALA A 173 -5.22 2.88 2.22
C ALA A 173 -6.08 3.95 1.56
N LEU A 174 -6.42 3.72 0.30
CA LEU A 174 -7.22 4.67 -0.46
C LEU A 174 -8.60 4.82 0.15
N ALA A 175 -9.20 3.71 0.56
CA ALA A 175 -10.50 3.77 1.23
C ALA A 175 -10.37 4.49 2.57
N GLY A 176 -9.21 4.36 3.21
CA GLY A 176 -8.95 5.07 4.43
C GLY A 176 -9.01 6.57 4.19
N LEU A 177 -8.37 7.00 3.12
CA LEU A 177 -8.39 8.41 2.73
C LEU A 177 -9.79 8.85 2.36
N ALA A 178 -10.36 8.22 1.32
CA ALA A 178 -11.64 8.64 0.78
C ALA A 178 -12.83 8.42 1.71
N LEU A 179 -12.86 7.27 2.38
CA LEU A 179 -14.08 6.83 3.07
C LEU A 179 -13.94 6.63 4.57
N GLY A 180 -12.72 6.77 5.08
CA GLY A 180 -12.49 6.60 6.50
C GLY A 180 -12.72 5.16 6.94
N GLN A 181 -12.58 4.23 6.01
CA GLN A 181 -12.76 2.81 6.29
C GLN A 181 -11.68 2.01 5.56
N THR A 182 -11.16 0.98 6.20
CA THR A 182 -10.09 0.18 5.61
C THR A 182 -10.53 -1.27 5.32
N VAL A 183 -11.59 -1.72 5.97
CA VAL A 183 -12.14 -3.05 5.68
C VAL A 183 -12.90 -3.02 4.36
N LEU A 184 -12.58 -3.96 3.48
CA LEU A 184 -13.18 -3.97 2.14
C LEU A 184 -14.70 -3.89 2.17
N SER A 185 -15.34 -4.77 2.93
CA SER A 185 -16.79 -4.81 2.99
C SER A 185 -17.37 -3.49 3.50
N LYS A 186 -16.80 -2.96 4.58
CA LYS A 186 -17.25 -1.69 5.14
C LYS A 186 -17.00 -0.51 4.20
N ALA A 187 -15.83 -0.49 3.58
CA ALA A 187 -15.49 0.56 2.63
C ALA A 187 -16.51 0.59 1.49
N CYS A 188 -16.86 -0.58 0.97
CA CYS A 188 -17.84 -0.69 -0.10
C CYS A 188 -19.21 -0.17 0.34
N GLN A 189 -19.66 -0.60 1.50
CA GLN A 189 -20.95 -0.14 2.04
C GLN A 189 -20.97 1.37 2.24
N THR A 190 -19.90 1.90 2.83
CA THR A 190 -19.78 3.34 3.02
C THR A 190 -19.84 4.07 1.69
N ALA A 191 -19.30 3.44 0.65
CA ALA A 191 -19.28 4.05 -0.68
C ALA A 191 -20.62 3.86 -1.39
N GLY A 192 -21.58 3.28 -0.70
CA GLY A 192 -22.90 3.09 -1.24
C GLY A 192 -23.00 1.91 -2.21
N MET A 193 -22.06 0.98 -2.08
CA MET A 193 -22.07 -0.22 -2.91
C MET A 193 -22.67 -1.39 -2.13
N ASP A 194 -23.26 -2.35 -2.85
CA ASP A 194 -23.70 -3.58 -2.22
C ASP A 194 -22.48 -4.44 -1.92
N PHE A 195 -22.57 -5.25 -0.87
CA PHE A 195 -21.53 -6.24 -0.61
C PHE A 195 -22.14 -7.51 -0.05
N ASP A 196 -21.99 -8.60 -0.82
CA ASP A 196 -22.57 -9.88 -0.46
C ASP A 196 -21.56 -10.77 0.25
N SER A 197 -21.74 -10.94 1.56
CA SER A 197 -20.76 -11.65 2.37
C SER A 197 -20.59 -13.11 1.97
N THR A 198 -21.65 -13.72 1.44
CA THR A 198 -21.60 -15.13 1.05
C THR A 198 -20.65 -15.34 -0.13
N GLN A 199 -20.26 -14.24 -0.78
CA GLN A 199 -19.42 -14.30 -1.97
C GLN A 199 -18.00 -13.80 -1.70
N ALA A 200 -17.70 -13.47 -0.44
CA ALA A 200 -16.45 -12.82 -0.08
C ALA A 200 -15.19 -13.68 -0.27
N HIS A 201 -15.37 -14.98 -0.47
CA HIS A 201 -14.23 -15.89 -0.59
C HIS A 201 -13.93 -16.22 -2.04
N SER A 202 -14.61 -15.55 -2.96
CA SER A 202 -14.35 -15.70 -4.39
C SER A 202 -13.45 -14.56 -4.86
N ALA A 203 -12.32 -14.93 -5.46
CA ALA A 203 -11.38 -13.95 -5.96
C ALA A 203 -12.04 -13.02 -6.96
N LEU A 204 -12.89 -13.59 -7.82
CA LEU A 204 -13.59 -12.81 -8.85
C LEU A 204 -14.52 -11.78 -8.22
N TYR A 205 -15.30 -12.19 -7.24
CA TYR A 205 -16.23 -11.27 -6.59
C TYR A 205 -15.46 -10.12 -5.94
N ASP A 206 -14.45 -10.46 -5.15
CA ASP A 206 -13.63 -9.48 -4.46
C ASP A 206 -12.98 -8.51 -5.44
N THR A 207 -12.45 -9.04 -6.54
CA THR A 207 -11.79 -8.22 -7.54
C THR A 207 -12.76 -7.20 -8.16
N GLU A 208 -13.99 -7.64 -8.41
CA GLU A 208 -14.99 -6.78 -9.02
C GLU A 208 -15.42 -5.66 -8.08
N ARG A 209 -15.68 -6.02 -6.83
CA ARG A 209 -16.06 -5.03 -5.82
C ARG A 209 -14.92 -4.03 -5.60
N THR A 210 -13.69 -4.54 -5.56
CA THR A 210 -12.52 -3.69 -5.37
C THR A 210 -12.35 -2.75 -6.57
N ALA A 211 -12.63 -3.26 -7.76
CA ALA A 211 -12.52 -2.47 -8.98
C ALA A 211 -13.51 -1.31 -8.98
N VAL A 212 -14.76 -1.61 -8.62
CA VAL A 212 -15.80 -0.58 -8.54
C VAL A 212 -15.48 0.42 -7.43
N LEU A 213 -14.92 -0.08 -6.33
CA LEU A 213 -14.51 0.79 -5.22
C LEU A 213 -13.43 1.75 -5.66
N PHE A 214 -12.37 1.23 -6.27
CA PHE A 214 -11.27 2.04 -6.77
C PHE A 214 -11.75 3.10 -7.75
N CYS A 215 -12.62 2.70 -8.67
CA CYS A 215 -13.16 3.62 -9.66
C CYS A 215 -13.99 4.73 -9.02
N GLU A 216 -14.82 4.37 -8.04
CA GLU A 216 -15.63 5.35 -7.33
C GLU A 216 -14.73 6.36 -6.62
N ILE A 217 -13.65 5.87 -6.04
CA ILE A 217 -12.72 6.71 -5.31
C ILE A 217 -11.98 7.68 -6.23
N VAL A 218 -11.46 7.16 -7.35
CA VAL A 218 -10.80 8.01 -8.33
C VAL A 218 -11.79 9.01 -8.91
N ASN A 219 -12.97 8.51 -9.29
CA ASN A 219 -13.99 9.36 -9.93
C ASN A 219 -14.56 10.45 -9.03
N ARG A 220 -14.82 10.14 -7.77
CA ARG A 220 -15.33 11.15 -6.85
C ARG A 220 -14.29 12.24 -6.61
N TRP A 221 -13.02 11.84 -6.56
CA TRP A 221 -11.92 12.80 -6.45
C TRP A 221 -11.98 13.78 -7.61
N LYS A 222 -12.11 13.25 -8.82
CA LYS A 222 -12.29 14.09 -10.00
C LYS A 222 -13.51 15.00 -9.86
N ARG A 223 -14.66 14.41 -9.56
CA ARG A 223 -15.91 15.16 -9.55
C ARG A 223 -15.95 16.26 -8.49
N LEU A 224 -15.29 16.05 -7.36
CA LEU A 224 -15.25 17.06 -6.30
C LEU A 224 -14.26 18.18 -6.64
N GLY A 225 -13.56 18.03 -7.76
CA GLY A 225 -12.65 19.06 -8.25
C GLY A 225 -11.21 18.89 -7.82
N GLY A 226 -10.86 17.69 -7.38
CA GLY A 226 -9.51 17.39 -6.96
C GLY A 226 -8.60 17.07 -8.13
N TRP A 227 -9.21 16.65 -9.24
CA TRP A 227 -8.47 16.34 -10.46
C TRP A 227 -9.31 16.74 -11.68
N PRO A 228 -8.65 17.24 -12.73
CA PRO A 228 -7.21 17.52 -12.81
C PRO A 228 -6.78 18.63 -11.83
N LEU A 229 -5.48 18.72 -11.56
CA LEU A 229 -4.95 19.71 -10.65
C LEU A 229 -5.40 21.13 -10.98
N SER A 230 -5.64 21.38 -12.26
CA SER A 230 -6.02 22.71 -12.73
C SER A 230 -7.44 23.08 -12.31
N ALA A 231 -8.27 22.06 -12.11
CA ALA A 231 -9.71 22.23 -11.95
C ALA A 231 -10.14 23.20 -10.84
N ALA A 232 -9.43 23.18 -9.72
CA ALA A 232 -9.84 23.95 -8.54
C ALA A 232 -9.89 25.46 -8.79
N GLU A 233 -9.06 25.94 -9.71
CA GLU A 233 -9.04 27.37 -10.02
C GLU A 233 -9.97 27.73 -11.17
N GLU A 234 -10.84 26.79 -11.52
CA GLU A 234 -11.86 27.05 -12.53
C GLU A 234 -13.25 26.87 -11.93
N VAL A 235 -13.62 27.76 -11.03
CA VAL A 235 -14.92 27.71 -10.39
C VAL A 235 -15.55 29.11 -10.30
N THR B 28 -14.37 14.98 14.26
CA THR B 28 -13.29 15.95 14.05
C THR B 28 -12.03 15.48 14.78
N GLY B 29 -12.12 14.33 15.44
CA GLY B 29 -11.01 13.77 16.18
C GLY B 29 -10.19 12.79 15.39
N LEU B 30 -8.93 12.64 15.76
CA LEU B 30 -8.01 11.73 15.07
C LEU B 30 -8.56 10.30 15.07
N CYS B 31 -9.18 9.90 16.16
CA CYS B 31 -9.71 8.54 16.30
C CYS B 31 -10.92 8.30 15.41
N ASP B 32 -11.54 9.39 14.94
CA ASP B 32 -12.71 9.28 14.09
C ASP B 32 -12.35 9.09 12.63
N ARG B 33 -11.15 9.51 12.26
CA ARG B 33 -10.76 9.64 10.87
C ARG B 33 -10.47 8.31 10.16
N PHE B 34 -9.73 7.43 10.83
CA PHE B 34 -9.31 6.16 10.21
C PHE B 34 -9.76 4.97 11.05
N ARG B 35 -11.07 4.88 11.30
CA ARG B 35 -11.64 3.89 12.21
C ARG B 35 -10.73 3.45 13.36
N GLY B 36 -10.20 4.42 14.09
CA GLY B 36 -9.43 4.12 15.29
C GLY B 36 -7.95 3.87 15.06
N PHE B 37 -7.52 3.96 13.82
CA PHE B 37 -6.11 3.80 13.49
C PHE B 37 -5.34 5.08 13.80
N TYR B 38 -4.21 4.92 14.48
CA TYR B 38 -3.34 6.04 14.84
C TYR B 38 -2.17 6.10 13.86
N PRO B 39 -2.23 7.02 12.89
CA PRO B 39 -1.25 7.06 11.80
C PRO B 39 0.13 7.48 12.26
N VAL B 40 1.14 6.68 11.95
CA VAL B 40 2.52 7.00 12.32
C VAL B 40 3.41 6.91 11.10
N VAL B 41 3.97 8.06 10.70
CA VAL B 41 4.83 8.10 9.52
C VAL B 41 6.20 7.50 9.85
N ILE B 42 6.63 6.58 9.00
CA ILE B 42 7.89 5.87 9.21
C ILE B 42 8.71 5.79 7.93
N ASP B 43 10.02 5.93 8.07
CA ASP B 43 10.93 5.62 6.97
C ASP B 43 12.22 5.02 7.51
N VAL B 44 12.81 4.14 6.71
CA VAL B 44 14.04 3.46 7.11
C VAL B 44 15.09 3.53 6.03
N GLU B 45 16.35 3.45 6.45
CA GLU B 45 17.45 3.21 5.52
C GLU B 45 18.02 1.85 5.89
N THR B 46 18.42 1.08 4.89
CA THR B 46 18.81 -0.30 5.13
C THR B 46 20.10 -0.63 4.39
N ALA B 47 20.64 -1.82 4.67
CA ALA B 47 21.83 -2.30 3.99
C ALA B 47 21.44 -3.32 2.92
N GLY B 48 20.25 -3.16 2.36
CA GLY B 48 19.78 -4.05 1.32
C GLY B 48 18.27 -4.16 1.21
N PHE B 49 17.81 -5.09 0.38
CA PHE B 49 16.40 -5.25 0.08
C PHE B 49 15.69 -6.29 0.94
N ASN B 50 16.46 -7.12 1.64
CA ASN B 50 15.87 -8.22 2.42
C ASN B 50 15.70 -7.87 3.90
N ALA B 51 14.43 -7.70 4.31
CA ALA B 51 14.10 -7.35 5.68
C ALA B 51 14.58 -8.36 6.71
N LYS B 52 14.58 -9.64 6.32
CA LYS B 52 14.97 -10.70 7.25
C LYS B 52 16.47 -10.75 7.50
N THR B 53 17.26 -10.50 6.46
CA THR B 53 18.70 -10.77 6.53
C THR B 53 19.57 -9.52 6.47
N ASP B 54 19.02 -8.43 5.98
CA ASP B 54 19.80 -7.19 5.83
C ASP B 54 19.64 -6.23 6.99
N ALA B 55 20.71 -5.51 7.29
CA ALA B 55 20.74 -4.61 8.42
C ALA B 55 19.80 -3.42 8.26
N LEU B 56 19.19 -3.02 9.38
CA LEU B 56 18.46 -1.77 9.46
C LEU B 56 19.46 -0.71 9.92
N LEU B 57 19.52 0.39 9.20
CA LEU B 57 20.57 1.40 9.43
C LEU B 57 20.05 2.70 10.01
N GLU B 58 18.84 3.08 9.63
CA GLU B 58 18.21 4.27 10.18
C GLU B 58 16.69 4.06 10.29
N ILE B 59 16.09 4.69 11.28
CA ILE B 59 14.63 4.72 11.36
C ILE B 59 14.15 6.03 11.95
N ALA B 60 13.14 6.60 11.32
CA ALA B 60 12.54 7.83 11.80
C ALA B 60 11.04 7.65 11.93
N ALA B 61 10.44 8.29 12.92
CA ALA B 61 9.02 8.15 13.17
C ALA B 61 8.39 9.49 13.50
N ILE B 62 7.28 9.79 12.85
CA ILE B 62 6.53 11.01 13.13
C ILE B 62 5.06 10.69 13.38
N THR B 63 4.64 10.87 14.63
CA THR B 63 3.24 10.73 14.97
C THR B 63 2.49 11.95 14.45
N LEU B 64 1.19 11.81 14.27
CA LEU B 64 0.37 12.90 13.79
C LEU B 64 -0.71 13.26 14.81
N LYS B 65 -1.28 14.45 14.65
CA LYS B 65 -2.38 14.88 15.51
C LYS B 65 -3.36 15.75 14.74
N MET B 66 -4.57 15.86 15.25
CA MET B 66 -5.56 16.75 14.65
C MET B 66 -5.91 17.88 15.60
N ASP B 67 -6.03 19.09 15.07
CA ASP B 67 -6.48 20.21 15.88
C ASP B 67 -7.98 20.15 16.06
N GLU B 68 -8.53 21.09 16.80
CA GLU B 68 -9.95 21.08 17.14
C GLU B 68 -10.87 21.03 15.91
N GLN B 69 -10.40 21.57 14.79
CA GLN B 69 -11.24 21.67 13.59
C GLN B 69 -11.10 20.46 12.65
N GLY B 70 -10.23 19.53 13.03
CA GLY B 70 -10.06 18.28 12.30
C GLY B 70 -8.98 18.30 11.24
N TRP B 71 -8.06 19.26 11.34
CA TRP B 71 -6.94 19.33 10.41
C TRP B 71 -5.77 18.50 10.92
N LEU B 72 -5.08 17.83 10.01
CA LEU B 72 -4.03 16.89 10.36
C LEU B 72 -2.63 17.49 10.25
N MET B 73 -1.77 17.20 11.21
CA MET B 73 -0.42 17.77 11.23
C MET B 73 0.54 16.92 12.08
N PRO B 74 1.85 17.07 11.84
CA PRO B 74 2.87 16.34 12.61
C PRO B 74 2.78 16.62 14.10
N ASP B 75 3.04 15.60 14.92
CA ASP B 75 3.04 15.75 16.36
C ASP B 75 4.46 15.57 16.91
N THR B 76 4.83 14.33 17.17
CA THR B 76 6.14 14.03 17.73
C THR B 76 7.07 13.45 16.68
N THR B 77 8.31 13.92 16.66
CA THR B 77 9.31 13.44 15.70
C THR B 77 10.45 12.72 16.39
N LEU B 78 10.74 11.51 15.92
CA LEU B 78 11.86 10.73 16.44
C LEU B 78 12.77 10.29 15.30
N HIS B 79 14.04 10.11 15.59
CA HIS B 79 15.01 9.69 14.57
C HIS B 79 16.20 8.97 15.20
N PHE B 80 16.69 7.94 14.52
CA PHE B 80 17.78 7.14 15.04
C PHE B 80 18.70 6.64 13.95
N HIS B 81 20.00 6.68 14.23
CA HIS B 81 20.96 5.89 13.48
C HIS B 81 20.99 4.52 14.16
N VAL B 82 20.92 3.45 13.37
CA VAL B 82 20.78 2.12 13.94
C VAL B 82 21.99 1.23 13.69
N GLU B 83 22.50 0.63 14.76
CA GLU B 83 23.60 -0.33 14.66
C GLU B 83 23.10 -1.61 14.01
N PRO B 84 23.87 -2.14 13.05
CA PRO B 84 23.50 -3.40 12.38
C PRO B 84 23.39 -4.52 13.39
N PHE B 85 22.32 -5.31 13.32
CA PHE B 85 22.15 -6.41 14.26
C PHE B 85 23.20 -7.47 14.03
N VAL B 86 23.53 -8.20 15.10
CA VAL B 86 24.54 -9.24 15.02
C VAL B 86 24.14 -10.30 13.99
N GLY B 87 24.96 -10.46 12.95
CA GLY B 87 24.70 -11.45 11.93
C GLY B 87 24.11 -10.85 10.67
N ALA B 88 23.80 -9.56 10.72
CA ALA B 88 23.19 -8.88 9.58
C ALA B 88 24.11 -8.85 8.37
N ASN B 89 23.51 -9.01 7.19
CA ASN B 89 24.23 -8.82 5.93
C ASN B 89 24.26 -7.34 5.57
N LEU B 90 25.35 -6.92 4.92
CA LEU B 90 25.46 -5.55 4.43
C LEU B 90 25.77 -5.59 2.94
N GLN B 91 24.81 -5.24 2.10
CA GLN B 91 25.04 -5.21 0.65
C GLN B 91 25.83 -3.95 0.27
N PRO B 92 27.02 -4.15 -0.32
CA PRO B 92 27.82 -3.00 -0.79
C PRO B 92 27.01 -2.00 -1.63
N GLU B 93 26.16 -2.50 -2.51
CA GLU B 93 25.39 -1.62 -3.40
C GLU B 93 24.44 -0.73 -2.60
N ALA B 94 23.87 -1.29 -1.53
CA ALA B 94 22.97 -0.54 -0.66
C ALA B 94 23.72 0.59 0.03
N LEU B 95 24.91 0.29 0.54
CA LEU B 95 25.72 1.28 1.24
C LEU B 95 26.21 2.36 0.29
N ALA B 96 26.46 1.97 -0.96
CA ALA B 96 26.87 2.92 -1.99
C ALA B 96 25.69 3.79 -2.40
N PHE B 97 24.48 3.25 -2.32
CA PHE B 97 23.29 4.00 -2.69
C PHE B 97 22.94 5.07 -1.65
N ASN B 98 22.85 4.67 -0.39
CA ASN B 98 22.46 5.58 0.67
C ASN B 98 23.63 6.29 1.37
N GLY B 99 24.84 5.85 1.05
CA GLY B 99 26.04 6.51 1.53
C GLY B 99 26.31 6.34 3.02
N ILE B 100 25.69 5.33 3.62
CA ILE B 100 25.87 5.08 5.06
C ILE B 100 27.06 4.17 5.32
N ASP B 101 27.89 4.57 6.28
CA ASP B 101 29.03 3.76 6.71
C ASP B 101 28.82 3.32 8.16
N PRO B 102 28.31 2.09 8.34
CA PRO B 102 27.96 1.53 9.64
C PRO B 102 29.15 1.43 10.59
N ASN B 103 30.36 1.46 10.06
CA ASN B 103 31.57 1.33 10.86
C ASN B 103 32.09 2.64 11.44
N ASP B 104 31.50 3.74 11.00
CA ASP B 104 31.85 5.07 11.47
C ASP B 104 31.39 5.24 12.91
N PRO B 105 32.34 5.33 13.85
CA PRO B 105 31.99 5.41 15.27
C PRO B 105 31.43 6.76 15.69
N ASP B 106 31.34 7.71 14.74
CA ASP B 106 30.81 9.03 15.04
C ASP B 106 29.37 9.19 14.57
N ARG B 107 28.76 8.09 14.15
CA ARG B 107 27.41 8.14 13.59
C ARG B 107 26.31 8.08 14.67
N GLY B 108 26.74 8.03 15.93
CA GLY B 108 25.81 8.06 17.06
C GLY B 108 24.72 7.01 17.00
N ALA B 109 25.09 5.78 16.67
CA ALA B 109 24.13 4.71 16.50
C ALA B 109 23.64 4.13 17.82
N VAL B 110 22.40 3.64 17.81
CA VAL B 110 21.85 2.89 18.93
C VAL B 110 21.28 1.56 18.44
N SER B 111 21.04 0.65 19.36
CA SER B 111 20.55 -0.68 19.03
C SER B 111 19.13 -0.62 18.48
N GLU B 112 18.73 -1.66 17.77
CA GLU B 112 17.37 -1.75 17.28
C GLU B 112 16.39 -1.70 18.45
N TYR B 113 16.77 -2.34 19.55
CA TYR B 113 15.91 -2.33 20.74
C TYR B 113 15.65 -0.92 21.23
N GLU B 114 16.71 -0.17 21.49
CA GLU B 114 16.60 1.20 21.99
C GLU B 114 15.76 2.09 21.08
N ALA B 115 16.00 2.00 19.78
CA ALA B 115 15.29 2.82 18.80
C ALA B 115 13.79 2.48 18.78
N LEU B 116 13.48 1.21 18.61
CA LEU B 116 12.08 0.80 18.51
C LEU B 116 11.34 0.94 19.84
N HIS B 117 12.04 0.71 20.94
CA HIS B 117 11.42 0.83 22.26
C HIS B 117 10.93 2.25 22.48
N GLU B 118 11.77 3.22 22.12
CA GLU B 118 11.41 4.62 22.22
C GLU B 118 10.21 4.96 21.33
N ILE B 119 10.28 4.53 20.08
CA ILE B 119 9.19 4.78 19.13
C ILE B 119 7.88 4.16 19.61
N PHE B 120 7.92 2.89 19.98
CA PHE B 120 6.74 2.20 20.49
C PHE B 120 6.18 2.89 21.73
N LYS B 121 7.06 3.39 22.59
CA LYS B 121 6.63 4.07 23.81
C LYS B 121 5.84 5.34 23.49
N VAL B 122 6.40 6.16 22.61
CA VAL B 122 5.74 7.38 22.17
C VAL B 122 4.42 7.08 21.46
N VAL B 123 4.43 6.02 20.66
CA VAL B 123 3.25 5.65 19.88
C VAL B 123 2.10 5.15 20.76
N ARG B 124 2.42 4.34 21.76
CA ARG B 124 1.41 3.86 22.70
C ARG B 124 0.77 5.03 23.44
N LYS B 125 1.61 5.97 23.87
CA LYS B 125 1.13 7.15 24.59
C LYS B 125 0.14 7.94 23.75
N GLY B 126 0.49 8.16 22.48
CA GLY B 126 -0.37 8.87 21.55
C GLY B 126 -1.68 8.15 21.30
N ILE B 127 -1.62 6.82 21.25
CA ILE B 127 -2.81 6.02 21.01
C ILE B 127 -3.81 6.13 22.17
N LYS B 128 -3.29 6.06 23.39
CA LYS B 128 -4.12 6.21 24.58
C LYS B 128 -4.67 7.62 24.68
N ALA B 129 -3.79 8.61 24.51
CA ALA B 129 -4.16 10.01 24.62
C ALA B 129 -5.26 10.39 23.63
N SER B 130 -5.29 9.73 22.48
CA SER B 130 -6.21 10.10 21.40
C SER B 130 -7.41 9.17 21.29
N GLY B 131 -7.39 8.06 22.03
CA GLY B 131 -8.50 7.13 22.03
C GLY B 131 -8.56 6.25 20.79
N CYS B 132 -7.40 5.96 20.21
CA CYS B 132 -7.31 5.06 19.08
C CYS B 132 -7.10 3.63 19.57
N ASN B 133 -7.27 2.66 18.69
CA ASN B 133 -7.08 1.26 19.04
C ASN B 133 -5.69 0.77 18.68
N ARG B 134 -5.13 1.33 17.61
CA ARG B 134 -3.94 0.75 17.01
C ARG B 134 -3.24 1.74 16.09
N ALA B 135 -1.92 1.59 15.97
CA ALA B 135 -1.14 2.40 15.04
C ALA B 135 -1.12 1.75 13.67
N ILE B 136 -1.17 2.58 12.63
CA ILE B 136 -0.99 2.11 11.27
C ILE B 136 0.19 2.83 10.65
N MET B 137 1.09 2.10 10.03
CA MET B 137 2.26 2.73 9.44
C MET B 137 1.94 3.50 8.17
N VAL B 138 2.36 4.76 8.14
CA VAL B 138 2.32 5.56 6.94
C VAL B 138 3.73 5.63 6.38
N ALA B 139 3.90 5.25 5.12
CA ALA B 139 5.22 5.24 4.50
C ALA B 139 5.11 5.20 2.98
N HIS B 140 6.20 5.56 2.30
CA HIS B 140 6.21 5.57 0.85
C HIS B 140 6.62 4.21 0.30
N ASN B 141 5.72 3.58 -0.45
CA ASN B 141 5.87 2.17 -0.80
C ASN B 141 5.96 1.39 0.51
N ALA B 142 4.91 1.52 1.30
CA ALA B 142 4.91 1.17 2.72
C ALA B 142 5.42 -0.22 3.09
N ASN B 143 5.13 -1.22 2.26
CA ASN B 143 5.49 -2.60 2.61
C ASN B 143 6.97 -2.76 2.93
N PHE B 144 7.83 -2.13 2.14
CA PHE B 144 9.28 -2.17 2.38
C PHE B 144 9.60 -1.75 3.80
N ASP B 145 9.20 -0.54 4.15
CA ASP B 145 9.46 0.00 5.48
C ASP B 145 8.78 -0.83 6.56
N HIS B 146 7.55 -1.26 6.30
CA HIS B 146 6.81 -2.08 7.26
C HIS B 146 7.59 -3.35 7.59
N SER B 147 8.05 -4.05 6.56
CA SER B 147 8.73 -5.33 6.73
C SER B 147 10.01 -5.19 7.57
N PHE B 148 10.75 -4.10 7.33
CA PHE B 148 11.97 -3.87 8.09
C PHE B 148 11.70 -3.54 9.56
N MET B 149 10.72 -2.68 9.82
CA MET B 149 10.39 -2.31 11.19
C MET B 149 9.90 -3.51 11.98
N MET B 150 9.06 -4.33 11.36
CA MET B 150 8.52 -5.52 12.03
C MET B 150 9.62 -6.54 12.33
N ALA B 151 10.47 -6.78 11.35
CA ALA B 151 11.59 -7.70 11.51
C ALA B 151 12.51 -7.28 12.66
N ALA B 152 12.77 -5.98 12.74
CA ALA B 152 13.62 -5.44 13.80
C ALA B 152 12.94 -5.58 15.16
N ALA B 153 11.64 -5.34 15.21
CA ALA B 153 10.88 -5.51 16.44
C ALA B 153 11.03 -6.95 16.90
N GLU B 154 10.90 -7.86 15.95
CA GLU B 154 11.05 -9.29 16.19
C GLU B 154 12.40 -9.57 16.83
N ARG B 155 13.46 -9.14 16.15
CA ARG B 155 14.83 -9.35 16.63
C ARG B 155 15.05 -8.78 18.03
N ALA B 156 14.42 -7.65 18.31
CA ALA B 156 14.59 -6.99 19.61
C ALA B 156 13.70 -7.60 20.68
N SER B 157 12.88 -8.57 20.28
CA SER B 157 11.95 -9.22 21.20
C SER B 157 11.03 -8.20 21.86
N LEU B 158 10.60 -7.21 21.09
CA LEU B 158 9.71 -6.19 21.62
C LEU B 158 8.29 -6.72 21.81
N LYS B 159 7.74 -6.46 23.00
CA LYS B 159 6.39 -6.89 23.33
C LYS B 159 5.35 -5.83 22.98
N ARG B 160 4.16 -6.29 22.64
CA ARG B 160 3.02 -5.41 22.44
C ARG B 160 3.27 -4.35 21.39
N ASN B 161 3.85 -4.77 20.27
CA ASN B 161 4.01 -3.95 19.10
C ASN B 161 2.69 -3.25 18.78
N PRO B 162 2.66 -1.92 18.86
CA PRO B 162 1.41 -1.18 18.67
C PRO B 162 0.93 -1.14 17.22
N PHE B 163 1.79 -1.56 16.29
CA PHE B 163 1.48 -1.47 14.86
C PHE B 163 0.66 -2.64 14.33
N HIS B 164 -0.27 -2.33 13.42
CA HIS B 164 -1.04 -3.35 12.74
C HIS B 164 -0.09 -4.21 11.93
N PRO B 165 -0.24 -5.55 12.04
CA PRO B 165 0.73 -6.49 11.47
C PRO B 165 0.77 -6.56 9.94
N PHE B 166 -0.25 -6.05 9.25
CA PHE B 166 -0.19 -6.04 7.78
C PHE B 166 -0.81 -4.82 7.09
N ALA B 167 -1.61 -4.04 7.81
CA ALA B 167 -2.20 -2.84 7.23
C ALA B 167 -1.22 -1.67 7.18
N THR B 168 -1.24 -0.94 6.07
CA THR B 168 -0.43 0.27 5.94
C THR B 168 -1.16 1.36 5.15
N PHE B 169 -0.72 2.60 5.32
CA PHE B 169 -1.14 3.70 4.46
C PHE B 169 0.00 4.07 3.53
N ASP B 170 0.01 3.48 2.33
CA ASP B 170 1.06 3.74 1.36
C ASP B 170 0.87 5.10 0.68
N THR B 171 1.84 6.00 0.88
CA THR B 171 1.73 7.35 0.34
C THR B 171 2.00 7.40 -1.17
N ALA B 172 2.61 6.36 -1.71
CA ALA B 172 2.80 6.25 -3.15
C ALA B 172 1.44 6.13 -3.82
N ALA B 173 0.62 5.22 -3.31
CA ALA B 173 -0.73 5.02 -3.81
C ALA B 173 -1.56 6.27 -3.57
N LEU B 174 -1.47 6.81 -2.36
CA LEU B 174 -2.22 8.00 -1.99
C LEU B 174 -1.85 9.18 -2.87
N ALA B 175 -0.55 9.33 -3.16
CA ALA B 175 -0.09 10.41 -4.02
C ALA B 175 -0.52 10.17 -5.44
N GLY B 176 -0.67 8.90 -5.81
CA GLY B 176 -1.14 8.54 -7.12
C GLY B 176 -2.56 9.05 -7.33
N LEU B 177 -3.39 8.85 -6.33
CA LEU B 177 -4.75 9.34 -6.35
C LEU B 177 -4.78 10.87 -6.32
N ALA B 178 -4.20 11.44 -5.26
CA ALA B 178 -4.27 12.87 -5.01
C ALA B 178 -3.53 13.73 -6.05
N LEU B 179 -2.35 13.30 -6.46
CA LEU B 179 -1.45 14.15 -7.24
C LEU B 179 -1.04 13.57 -8.59
N GLY B 180 -1.46 12.34 -8.88
CA GLY B 180 -1.12 11.72 -10.15
C GLY B 180 0.35 11.38 -10.26
N GLN B 181 1.02 11.26 -9.13
CA GLN B 181 2.44 10.93 -9.09
C GLN B 181 2.71 9.91 -7.99
N THR B 182 3.68 9.03 -8.21
CA THR B 182 3.98 7.99 -7.22
C THR B 182 5.41 8.09 -6.68
N VAL B 183 6.27 8.81 -7.39
CA VAL B 183 7.64 9.04 -6.91
C VAL B 183 7.63 10.11 -5.81
N LEU B 184 8.21 9.79 -4.66
CA LEU B 184 8.16 10.68 -3.50
C LEU B 184 8.53 12.12 -3.84
N SER B 185 9.70 12.32 -4.45
CA SER B 185 10.18 13.66 -4.76
C SER B 185 9.22 14.40 -5.68
N LYS B 186 8.77 13.73 -6.74
CA LYS B 186 7.84 14.34 -7.69
C LYS B 186 6.48 14.64 -7.07
N ALA B 187 6.01 13.74 -6.21
CA ALA B 187 4.75 13.95 -5.51
C ALA B 187 4.81 15.20 -4.64
N CYS B 188 5.89 15.34 -3.87
CA CYS B 188 6.11 16.50 -3.03
C CYS B 188 6.14 17.80 -3.83
N GLN B 189 6.88 17.78 -4.94
CA GLN B 189 6.95 18.94 -5.83
C GLN B 189 5.57 19.30 -6.37
N THR B 190 4.86 18.30 -6.88
CA THR B 190 3.50 18.52 -7.38
C THR B 190 2.58 19.06 -6.29
N ALA B 191 2.87 18.69 -5.04
CA ALA B 191 2.07 19.15 -3.91
C ALA B 191 2.47 20.55 -3.49
N GLY B 192 3.45 21.12 -4.19
CA GLY B 192 3.91 22.46 -3.88
C GLY B 192 4.91 22.49 -2.75
N MET B 193 5.53 21.34 -2.47
CA MET B 193 6.48 21.22 -1.39
C MET B 193 7.91 21.30 -1.91
N ASP B 194 8.82 21.71 -1.04
CA ASP B 194 10.25 21.65 -1.35
C ASP B 194 10.70 20.20 -1.23
N PHE B 195 11.72 19.83 -1.99
CA PHE B 195 12.35 18.52 -1.80
C PHE B 195 13.83 18.59 -2.12
N ASP B 196 14.66 18.39 -1.11
CA ASP B 196 16.10 18.55 -1.23
C ASP B 196 16.79 17.23 -1.56
N SER B 197 17.21 17.08 -2.82
CA SER B 197 17.78 15.82 -3.30
C SER B 197 18.98 15.35 -2.46
N THR B 198 19.77 16.30 -1.98
CA THR B 198 20.97 15.97 -1.20
C THR B 198 20.65 15.35 0.15
N GLN B 199 19.38 15.42 0.56
CA GLN B 199 18.95 14.88 1.84
C GLN B 199 18.09 13.62 1.68
N ALA B 200 17.97 13.14 0.44
CA ALA B 200 17.06 12.04 0.12
C ALA B 200 17.40 10.71 0.80
N HIS B 201 18.63 10.56 1.26
CA HIS B 201 19.06 9.29 1.86
C HIS B 201 18.98 9.30 3.38
N SER B 202 18.39 10.36 3.92
CA SER B 202 18.17 10.46 5.36
C SER B 202 16.76 10.02 5.72
N ALA B 203 16.66 8.97 6.54
CA ALA B 203 15.38 8.48 7.00
C ALA B 203 14.55 9.62 7.59
N LEU B 204 15.18 10.40 8.47
CA LEU B 204 14.51 11.53 9.10
C LEU B 204 13.94 12.51 8.08
N TYR B 205 14.73 12.87 7.09
CA TYR B 205 14.29 13.83 6.10
C TYR B 205 13.12 13.30 5.29
N ASP B 206 13.23 12.05 4.85
CA ASP B 206 12.17 11.41 4.08
C ASP B 206 10.89 11.28 4.89
N THR B 207 11.03 10.98 6.18
CA THR B 207 9.87 10.82 7.05
C THR B 207 9.11 12.15 7.22
N GLU B 208 9.85 13.24 7.34
CA GLU B 208 9.24 14.56 7.50
C GLU B 208 8.52 14.99 6.23
N ARG B 209 9.19 14.84 5.09
CA ARG B 209 8.58 15.15 3.80
C ARG B 209 7.35 14.28 3.57
N THR B 210 7.48 13.00 3.88
CA THR B 210 6.36 12.07 3.72
C THR B 210 5.19 12.43 4.63
N ALA B 211 5.51 12.86 5.85
CA ALA B 211 4.47 13.25 6.80
C ALA B 211 3.72 14.49 6.31
N VAL B 212 4.47 15.48 5.81
CA VAL B 212 3.87 16.69 5.27
C VAL B 212 3.02 16.36 4.04
N LEU B 213 3.54 15.48 3.19
CA LEU B 213 2.82 15.04 2.01
C LEU B 213 1.49 14.38 2.40
N PHE B 214 1.56 13.40 3.30
CA PHE B 214 0.36 12.72 3.77
C PHE B 214 -0.68 13.69 4.33
N CYS B 215 -0.23 14.58 5.21
CA CYS B 215 -1.11 15.57 5.81
C CYS B 215 -1.75 16.48 4.77
N GLU B 216 -0.98 16.92 3.78
CA GLU B 216 -1.51 17.75 2.71
C GLU B 216 -2.61 17.02 1.95
N ILE B 217 -2.37 15.74 1.68
CA ILE B 217 -3.35 14.92 0.95
C ILE B 217 -4.65 14.77 1.74
N VAL B 218 -4.53 14.41 3.02
CA VAL B 218 -5.70 14.28 3.88
C VAL B 218 -6.44 15.61 4.01
N ASN B 219 -5.69 16.67 4.31
CA ASN B 219 -6.26 17.99 4.50
C ASN B 219 -6.90 18.55 3.23
N ARG B 220 -6.28 18.29 2.08
CA ARG B 220 -6.81 18.75 0.82
C ARG B 220 -8.16 18.09 0.54
N TRP B 221 -8.24 16.80 0.87
CA TRP B 221 -9.46 16.03 0.68
C TRP B 221 -10.61 16.65 1.48
N LYS B 222 -10.34 16.95 2.75
CA LYS B 222 -11.30 17.61 3.63
C LYS B 222 -11.67 18.99 3.08
N ARG B 223 -10.65 19.76 2.74
CA ARG B 223 -10.82 21.12 2.25
C ARG B 223 -11.75 21.18 1.03
N LEU B 224 -11.59 20.20 0.13
CA LEU B 224 -12.40 20.15 -1.09
C LEU B 224 -13.80 19.58 -0.83
N GLY B 225 -14.09 19.24 0.41
CA GLY B 225 -15.41 18.75 0.79
C GLY B 225 -15.60 17.27 0.56
N GLY B 226 -14.52 16.51 0.65
CA GLY B 226 -14.57 15.06 0.52
C GLY B 226 -14.74 14.42 1.87
N TRP B 227 -14.41 15.18 2.91
CA TRP B 227 -14.55 14.72 4.29
C TRP B 227 -14.95 15.89 5.20
N PRO B 228 -15.82 15.63 6.18
CA PRO B 228 -16.43 14.32 6.40
C PRO B 228 -17.45 14.00 5.29
N LEU B 229 -17.94 12.77 5.26
CA LEU B 229 -18.83 12.34 4.19
C LEU B 229 -20.08 13.20 4.05
N SER B 230 -20.48 13.86 5.12
CA SER B 230 -21.71 14.66 5.11
C SER B 230 -21.53 16.00 4.39
N ALA B 231 -20.30 16.49 4.37
CA ALA B 231 -19.99 17.81 3.83
C ALA B 231 -20.55 18.08 2.43
N ALA B 232 -20.44 17.08 1.54
CA ALA B 232 -20.81 17.26 0.15
C ALA B 232 -22.21 17.86 -0.04
N GLU B 233 -23.11 17.58 0.89
CA GLU B 233 -24.45 18.17 0.86
C GLU B 233 -24.49 19.44 1.71
N GLU B 234 -23.31 19.99 1.98
CA GLU B 234 -23.17 21.22 2.74
C GLU B 234 -23.55 21.06 4.21
N VAL B 235 -23.71 19.82 4.65
CA VAL B 235 -23.99 19.53 6.05
C VAL B 235 -22.74 18.99 6.75
#